data_5DNP
#
_entry.id   5DNP
#
_cell.length_a   100.490
_cell.length_b   58.353
_cell.length_c   54.266
_cell.angle_alpha   90.000
_cell.angle_beta   108.190
_cell.angle_gamma   90.000
#
_symmetry.space_group_name_H-M   'C 1 2 1'
#
loop_
_entity.id
_entity.type
_entity.pdbx_description
1 polymer 'YTH domain-containing protein mmi1'
2 non-polymer 'PHOSPHATE ION'
3 water water
#
_entity_poly.entity_id   1
_entity_poly.type   'polypeptide(L)'
_entity_poly.pdbx_seq_one_letter_code
;MGSSHHHHHAMSEHRNEKGERISMINPRVVLDENGISHRSRYFIMLCDNETAIAHAKKTSIWAVKKDSSKRISDAYKKAS
VYFIFVAQQTYNALGYAQVVSDLNSTELPFWSDSSHAGGVRIKWIKTCNLFSAEISEIVSHMDHGSEARDGMEMMYDEGS
RLCTLINYAIMKRIGRDR
;
_entity_poly.pdbx_strand_id   A,B
#
loop_
_chem_comp.id
_chem_comp.type
_chem_comp.name
_chem_comp.formula
PO4 non-polymer 'PHOSPHATE ION' 'O4 P -3'
#
# COMPACT_ATOMS: atom_id res chain seq x y z
N ARG A 28 10.78 10.08 6.22
CA ARG A 28 9.44 9.48 5.93
C ARG A 28 9.38 8.04 6.44
N VAL A 29 10.05 7.12 5.74
CA VAL A 29 10.33 5.78 6.25
C VAL A 29 11.81 5.78 6.56
N VAL A 30 12.15 5.43 7.80
CA VAL A 30 13.53 5.45 8.26
C VAL A 30 14.12 4.08 7.99
N LEU A 31 15.26 4.07 7.29
CA LEU A 31 15.93 2.86 6.83
C LEU A 31 17.21 2.63 7.64
N ASP A 32 17.66 1.37 7.67
CA ASP A 32 18.93 1.02 8.30
C ASP A 32 20.06 1.23 7.28
N GLU A 33 21.29 0.90 7.67
CA GLU A 33 22.46 1.04 6.79
C GLU A 33 22.39 0.16 5.53
N ASN A 34 21.58 -0.90 5.55
CA ASN A 34 21.34 -1.73 4.36
C ASN A 34 20.23 -1.23 3.40
N GLY A 35 19.64 -0.06 3.66
CA GLY A 35 18.44 0.39 2.94
C GLY A 35 17.17 -0.42 3.21
N ILE A 36 17.11 -1.05 4.39
CA ILE A 36 15.98 -1.88 4.80
C ILE A 36 15.18 -1.17 5.90
N SER A 37 13.86 -1.21 5.79
CA SER A 37 12.97 -0.58 6.77
C SER A 37 12.88 -1.40 8.05
N HIS A 38 12.73 -0.71 9.18
CA HIS A 38 12.56 -1.37 10.48
C HIS A 38 11.18 -1.99 10.65
N ARG A 39 10.18 -1.43 9.96
CA ARG A 39 8.77 -1.85 10.11
C ARG A 39 8.28 -2.87 9.04
N SER A 40 8.66 -2.64 7.78
CA SER A 40 8.18 -3.41 6.63
C SER A 40 9.35 -4.03 5.89
N ARG A 41 9.39 -5.36 5.82
CA ARG A 41 10.51 -6.05 5.20
C ARG A 41 10.07 -7.05 4.13
N TYR A 42 10.80 -7.09 3.01
CA TYR A 42 10.35 -7.75 1.79
C TYR A 42 11.34 -8.78 1.28
N PHE A 43 10.85 -9.99 1.05
CA PHE A 43 11.65 -11.07 0.49
C PHE A 43 11.05 -11.54 -0.81
N ILE A 44 11.90 -11.96 -1.73
CA ILE A 44 11.43 -12.45 -3.04
C ILE A 44 11.33 -13.98 -3.03
N MET A 45 10.25 -14.49 -3.62
CA MET A 45 10.09 -15.93 -3.78
C MET A 45 10.02 -16.24 -5.28
N LEU A 46 11.10 -16.85 -5.78
CA LEU A 46 11.19 -17.23 -7.18
C LEU A 46 10.58 -18.61 -7.33
N CYS A 47 9.43 -18.68 -8.00
CA CYS A 47 8.68 -19.93 -8.12
C CYS A 47 8.94 -20.58 -9.47
N ASP A 48 9.16 -21.89 -9.47
CA ASP A 48 9.50 -22.63 -10.70
C ASP A 48 8.60 -23.87 -10.97
N ASN A 49 7.41 -23.93 -10.35
CA ASN A 49 6.36 -24.84 -10.83
C ASN A 49 4.95 -24.38 -10.43
N GLU A 50 4.03 -24.50 -11.39
CA GLU A 50 2.66 -24.02 -11.26
C GLU A 50 1.91 -24.68 -10.10
N THR A 51 2.28 -25.92 -9.78
CA THR A 51 1.62 -26.70 -8.75
C THR A 51 1.85 -26.17 -7.31
N ALA A 52 3.04 -25.64 -7.05
CA ALA A 52 3.33 -25.06 -5.75
C ALA A 52 2.57 -23.74 -5.56
N ILE A 53 2.68 -22.86 -6.55
CA ILE A 53 2.07 -21.53 -6.49
C ILE A 53 0.54 -21.59 -6.48
N ALA A 54 -0.04 -22.48 -7.28
CA ALA A 54 -1.49 -22.67 -7.28
C ALA A 54 -1.97 -23.15 -5.90
N HIS A 55 -1.23 -24.09 -5.31
CA HIS A 55 -1.51 -24.58 -3.95
C HIS A 55 -1.33 -23.50 -2.86
N ALA A 56 -0.32 -22.67 -3.03
CA ALA A 56 -0.11 -21.52 -2.12
C ALA A 56 -1.29 -20.57 -2.18
N LYS A 57 -1.77 -20.32 -3.40
CA LYS A 57 -2.91 -19.43 -3.64
C LYS A 57 -4.25 -19.95 -3.14
N LYS A 58 -4.41 -21.27 -2.99
CA LYS A 58 -5.63 -21.85 -2.42
C LYS A 58 -5.54 -22.01 -0.90
N THR A 59 -4.39 -22.44 -0.38
CA THR A 59 -4.26 -22.78 1.04
C THR A 59 -3.48 -21.77 1.90
N SER A 60 -2.90 -20.74 1.29
CA SER A 60 -2.18 -19.69 2.02
C SER A 60 -1.05 -20.22 2.94
N ILE A 61 -0.19 -21.03 2.33
CA ILE A 61 0.99 -21.60 2.96
C ILE A 61 2.14 -21.44 1.97
N TRP A 62 3.33 -21.24 2.50
CA TRP A 62 4.53 -21.28 1.69
C TRP A 62 5.62 -21.97 2.49
N ALA A 63 6.61 -22.52 1.79
CA ALA A 63 7.75 -23.18 2.43
C ALA A 63 8.98 -22.31 2.29
N VAL A 64 9.83 -22.34 3.30
CA VAL A 64 11.00 -21.45 3.37
C VAL A 64 12.28 -22.28 3.33
N LYS A 65 13.19 -21.90 2.44
CA LYS A 65 14.48 -22.58 2.27
C LYS A 65 15.33 -22.41 3.52
N LYS A 66 15.97 -23.49 3.97
CA LYS A 66 16.98 -23.41 5.05
C LYS A 66 18.03 -22.32 4.81
N ASP A 67 18.42 -22.17 3.54
CA ASP A 67 19.31 -21.10 3.07
C ASP A 67 18.97 -19.72 3.65
N SER A 68 17.72 -19.31 3.47
CA SER A 68 17.24 -17.99 3.85
C SER A 68 16.36 -17.97 5.12
N SER A 69 16.25 -19.11 5.81
CA SER A 69 15.28 -19.29 6.89
C SER A 69 15.57 -18.48 8.16
N LYS A 70 16.84 -18.41 8.55
CA LYS A 70 17.25 -17.68 9.76
C LYS A 70 16.93 -16.18 9.64
N ARG A 71 17.31 -15.61 8.51
CA ARG A 71 17.03 -14.20 8.23
C ARG A 71 15.53 -13.87 8.14
N ILE A 72 14.76 -14.74 7.51
CA ILE A 72 13.31 -14.53 7.41
C ILE A 72 12.60 -14.70 8.77
N SER A 73 13.02 -15.69 9.53
CA SER A 73 12.45 -15.95 10.84
C SER A 73 12.74 -14.81 11.83
N ASP A 74 13.94 -14.26 11.77
CA ASP A 74 14.31 -13.11 12.61
C ASP A 74 13.56 -11.84 12.18
N ALA A 75 13.31 -11.70 10.87
CA ALA A 75 12.48 -10.59 10.34
C ALA A 75 11.01 -10.65 10.82
N TYR A 76 10.46 -11.86 10.85
CA TYR A 76 9.11 -12.08 11.37
C TYR A 76 8.95 -11.59 12.82
N LYS A 77 9.94 -11.85 13.66
CA LYS A 77 9.90 -11.46 15.07
C LYS A 77 9.99 -9.95 15.32
N LYS A 78 10.58 -9.20 14.40
CA LYS A 78 10.77 -7.76 14.59
C LYS A 78 9.92 -6.86 13.70
N ALA A 79 9.43 -7.37 12.59
CA ALA A 79 8.80 -6.52 11.58
C ALA A 79 7.67 -7.23 10.89
N SER A 80 6.85 -6.45 10.21
CA SER A 80 5.87 -6.99 9.29
C SER A 80 6.62 -7.46 8.03
N VAL A 81 6.44 -8.73 7.70
CA VAL A 81 7.19 -9.39 6.61
C VAL A 81 6.29 -9.71 5.42
N TYR A 82 6.80 -9.44 4.21
CA TYR A 82 6.08 -9.61 2.96
C TYR A 82 6.88 -10.46 1.97
N PHE A 83 6.19 -11.41 1.33
CA PHE A 83 6.77 -12.24 0.28
C PHE A 83 6.21 -11.76 -1.05
N ILE A 84 7.10 -11.45 -2.00
CA ILE A 84 6.71 -11.06 -3.35
C ILE A 84 7.04 -12.21 -4.29
N PHE A 85 6.01 -12.75 -4.95
CA PHE A 85 6.10 -13.99 -5.72
C PHE A 85 6.25 -13.71 -7.20
N VAL A 86 7.34 -14.24 -7.76
CA VAL A 86 7.71 -14.04 -9.17
C VAL A 86 8.08 -15.38 -9.79
N ALA A 87 7.63 -15.61 -11.02
CA ALA A 87 7.92 -16.85 -11.75
C ALA A 87 9.39 -16.84 -12.17
N GLN A 88 10.09 -17.94 -11.89
CA GLN A 88 11.54 -18.01 -12.11
C GLN A 88 11.92 -17.88 -13.58
N GLN A 89 11.23 -18.60 -14.46
CA GLN A 89 11.58 -18.64 -15.88
C GLN A 89 11.27 -17.34 -16.62
N THR A 90 10.18 -16.67 -16.23
CA THR A 90 9.64 -15.53 -16.97
C THR A 90 9.67 -14.18 -16.24
N TYR A 91 9.97 -14.18 -14.95
CA TYR A 91 9.78 -13.00 -14.08
C TYR A 91 8.36 -12.41 -14.07
N ASN A 92 7.35 -13.25 -14.35
CA ASN A 92 5.94 -12.85 -14.26
C ASN A 92 5.59 -12.51 -12.80
N ALA A 93 4.89 -11.41 -12.56
CA ALA A 93 4.35 -11.12 -11.23
C ALA A 93 3.24 -12.12 -10.90
N LEU A 94 3.41 -12.88 -9.80
CA LEU A 94 2.37 -13.78 -9.29
C LEU A 94 1.56 -13.26 -8.08
N GLY A 95 2.03 -12.19 -7.44
CA GLY A 95 1.33 -11.56 -6.31
C GLY A 95 2.24 -11.28 -5.13
N TYR A 96 1.62 -10.92 -4.02
CA TYR A 96 2.35 -10.78 -2.76
C TYR A 96 1.43 -11.00 -1.57
N ALA A 97 2.03 -11.39 -0.47
CA ALA A 97 1.38 -11.70 0.74
C ALA A 97 2.19 -11.35 1.95
N GLN A 98 1.50 -11.25 3.05
CA GLN A 98 2.12 -11.04 4.32
C GLN A 98 2.34 -12.39 4.96
N VAL A 99 3.47 -12.54 5.63
CA VAL A 99 3.78 -13.73 6.38
C VAL A 99 3.09 -13.53 7.71
N VAL A 100 2.26 -14.48 8.12
CA VAL A 100 1.45 -14.37 9.35
C VAL A 100 1.68 -15.53 10.34
N SER A 101 2.79 -16.26 10.18
CA SER A 101 3.21 -17.24 11.19
C SER A 101 4.69 -17.49 11.03
N ASP A 102 5.36 -17.86 12.14
CA ASP A 102 6.79 -18.16 12.09
C ASP A 102 7.02 -19.54 11.45
N LEU A 103 8.27 -19.77 11.08
CA LEU A 103 8.77 -21.04 10.58
C LEU A 103 8.23 -22.24 11.37
N ASN A 104 7.71 -23.24 10.67
CA ASN A 104 7.24 -24.47 11.33
C ASN A 104 7.58 -25.72 10.49
N SER A 105 8.48 -26.53 11.03
CA SER A 105 8.93 -27.77 10.39
C SER A 105 7.82 -28.82 10.19
N THR A 106 6.81 -28.81 11.08
CA THR A 106 5.69 -29.75 10.98
C THR A 106 4.68 -29.37 9.88
N GLU A 107 4.53 -28.06 9.61
CA GLU A 107 3.50 -27.56 8.68
C GLU A 107 4.09 -27.12 7.32
N LEU A 108 4.72 -28.07 6.65
CA LEU A 108 5.26 -27.88 5.31
C LEU A 108 4.24 -28.35 4.27
N PRO A 109 4.10 -27.62 3.15
CA PRO A 109 3.20 -28.10 2.09
C PRO A 109 3.76 -29.34 1.38
N PHE A 110 2.91 -30.01 0.59
CA PHE A 110 3.26 -31.30 -0.02
C PHE A 110 4.47 -31.22 -0.98
N TRP A 111 4.54 -30.11 -1.71
CA TRP A 111 5.61 -29.88 -2.71
C TRP A 111 7.00 -29.66 -2.12
N SER A 112 7.12 -29.45 -0.81
CA SER A 112 8.40 -29.20 -0.18
C SER A 112 9.31 -30.43 -0.17
N ASP A 113 10.55 -30.24 -0.62
CA ASP A 113 11.63 -31.23 -0.47
C ASP A 113 12.54 -30.87 0.74
N SER A 114 13.71 -31.52 0.85
CA SER A 114 14.65 -31.28 1.94
C SER A 114 15.45 -29.96 1.82
N SER A 115 15.29 -29.23 0.71
CA SER A 115 15.82 -27.87 0.62
C SER A 115 15.08 -26.86 1.49
N HIS A 116 13.99 -27.27 2.18
CA HIS A 116 13.16 -26.37 2.99
C HIS A 116 13.26 -26.62 4.49
N ALA A 117 13.24 -25.52 5.25
CA ALA A 117 13.30 -25.56 6.72
C ALA A 117 11.93 -25.79 7.35
N GLY A 118 10.90 -25.21 6.75
CA GLY A 118 9.55 -25.31 7.30
C GLY A 118 8.56 -24.43 6.57
N GLY A 119 7.30 -24.56 6.97
CA GLY A 119 6.23 -23.77 6.38
C GLY A 119 5.91 -22.51 7.16
N VAL A 120 5.30 -21.56 6.46
CA VAL A 120 4.73 -20.36 7.05
C VAL A 120 3.34 -20.17 6.49
N ARG A 121 2.43 -19.71 7.35
CA ARG A 121 1.14 -19.26 6.90
C ARG A 121 1.33 -17.86 6.35
N ILE A 122 0.64 -17.58 5.25
CA ILE A 122 0.65 -16.27 4.61
C ILE A 122 -0.77 -15.73 4.51
N LYS A 123 -0.87 -14.42 4.27
CA LYS A 123 -2.13 -13.76 4.00
C LYS A 123 -1.98 -13.03 2.66
N TRP A 124 -2.64 -13.56 1.64
CA TRP A 124 -2.60 -12.97 0.30
C TRP A 124 -3.13 -11.55 0.31
N ILE A 125 -2.43 -10.64 -0.37
CA ILE A 125 -2.86 -9.25 -0.53
C ILE A 125 -3.25 -9.01 -1.98
N LYS A 126 -2.40 -9.42 -2.91
CA LYS A 126 -2.76 -9.48 -4.34
C LYS A 126 -2.30 -10.79 -4.95
N THR A 127 -3.13 -11.33 -5.85
CA THR A 127 -2.78 -12.49 -6.67
C THR A 127 -3.03 -12.14 -8.12
N CYS A 128 -2.15 -12.63 -8.98
CA CYS A 128 -2.22 -12.34 -10.41
C CYS A 128 -1.32 -13.31 -11.17
N ASN A 129 -1.23 -13.12 -12.48
CA ASN A 129 -0.23 -13.80 -13.30
C ASN A 129 -0.04 -12.97 -14.56
N LEU A 130 1.01 -12.17 -14.58
CA LEU A 130 1.22 -11.22 -15.67
C LEU A 130 2.68 -10.78 -15.72
N PHE A 131 3.09 -10.25 -16.88
CA PHE A 131 4.45 -9.77 -17.07
C PHE A 131 4.44 -8.25 -17.21
N SER A 132 5.19 -7.58 -16.34
CA SER A 132 5.49 -6.16 -16.45
C SER A 132 7.00 -6.01 -16.66
N ALA A 133 7.40 -5.19 -17.62
CA ALA A 133 8.80 -4.89 -17.87
C ALA A 133 9.45 -4.13 -16.72
N GLU A 134 8.71 -3.24 -16.07
CA GLU A 134 9.21 -2.49 -14.91
C GLU A 134 9.49 -3.41 -13.74
N ILE A 135 8.53 -4.28 -13.47
CA ILE A 135 8.69 -5.33 -12.45
C ILE A 135 9.87 -6.22 -12.80
N SER A 136 9.94 -6.67 -14.04
CA SER A 136 11.02 -7.55 -14.49
C SER A 136 12.40 -6.91 -14.31
N GLU A 137 12.52 -5.64 -14.72
CA GLU A 137 13.74 -4.83 -14.54
C GLU A 137 14.24 -4.83 -13.08
N ILE A 138 13.32 -4.69 -12.13
CA ILE A 138 13.68 -4.63 -10.70
C ILE A 138 14.22 -5.98 -10.24
N VAL A 139 13.61 -7.05 -10.72
CA VAL A 139 14.02 -8.42 -10.36
C VAL A 139 15.39 -8.77 -10.99
N SER A 140 15.64 -8.28 -12.21
CA SER A 140 16.93 -8.45 -12.88
C SER A 140 18.10 -7.77 -12.17
N HIS A 141 17.83 -6.71 -11.39
CA HIS A 141 18.90 -5.94 -10.76
C HIS A 141 18.93 -6.02 -9.24
N MET A 142 18.12 -6.90 -8.66
CA MET A 142 17.83 -6.91 -7.23
C MET A 142 19.05 -7.26 -6.38
N ASP A 143 19.95 -8.07 -6.92
CA ASP A 143 21.14 -8.51 -6.22
C ASP A 143 22.32 -7.59 -6.55
N HIS A 144 22.22 -6.37 -6.04
CA HIS A 144 23.16 -5.28 -6.27
C HIS A 144 23.56 -5.13 -7.76
N GLY A 145 22.55 -5.13 -8.63
CA GLY A 145 22.73 -5.07 -10.08
C GLY A 145 22.64 -6.40 -10.82
N SER A 146 22.67 -7.52 -10.09
CA SER A 146 22.50 -8.86 -10.67
C SER A 146 21.12 -9.44 -10.42
N GLU A 147 20.81 -10.51 -11.15
CA GLU A 147 19.53 -11.18 -11.05
C GLU A 147 19.25 -11.66 -9.63
N ALA A 148 17.98 -11.67 -9.26
CA ALA A 148 17.56 -11.93 -7.89
C ALA A 148 17.78 -13.39 -7.52
N ARG A 149 18.18 -13.62 -6.27
CA ARG A 149 18.30 -14.96 -5.74
C ARG A 149 17.04 -15.31 -4.92
N ASP A 150 16.58 -16.55 -5.05
CA ASP A 150 15.38 -17.00 -4.36
C ASP A 150 15.52 -16.77 -2.86
N GLY A 151 14.51 -16.17 -2.25
CA GLY A 151 14.52 -15.92 -0.81
C GLY A 151 15.41 -14.79 -0.32
N MET A 152 15.98 -14.01 -1.24
CA MET A 152 16.67 -12.75 -0.91
C MET A 152 15.78 -11.78 -0.18
N GLU A 153 16.33 -11.05 0.77
CA GLU A 153 15.70 -9.80 1.18
C GLU A 153 16.06 -8.70 0.20
N MET A 154 15.09 -7.86 -0.12
CA MET A 154 15.31 -6.67 -0.95
C MET A 154 15.27 -5.40 -0.10
N MET A 155 15.68 -4.29 -0.70
CA MET A 155 15.61 -2.97 -0.08
C MET A 155 14.16 -2.53 0.04
N TYR A 156 13.88 -1.67 1.01
CA TYR A 156 12.52 -1.14 1.18
C TYR A 156 11.97 -0.53 -0.10
N ASP A 157 12.81 0.25 -0.80
CA ASP A 157 12.41 0.92 -2.03
C ASP A 157 12.02 -0.06 -3.12
N GLU A 158 12.72 -1.18 -3.23
CA GLU A 158 12.36 -2.22 -4.19
C GLU A 158 11.04 -2.89 -3.81
N GLY A 159 10.89 -3.22 -2.53
CA GLY A 159 9.63 -3.79 -2.01
C GLY A 159 8.41 -2.93 -2.29
N SER A 160 8.48 -1.65 -1.91
CA SER A 160 7.35 -0.75 -2.06
C SER A 160 7.06 -0.50 -3.53
N ARG A 161 8.12 -0.34 -4.34
CA ARG A 161 7.95 -0.19 -5.78
C ARG A 161 7.29 -1.41 -6.41
N LEU A 162 7.76 -2.61 -6.07
CA LEU A 162 7.15 -3.83 -6.64
C LEU A 162 5.68 -3.98 -6.25
N CYS A 163 5.34 -3.68 -5.00
CA CYS A 163 3.94 -3.73 -4.54
C CYS A 163 3.06 -2.71 -5.28
N THR A 164 3.60 -1.52 -5.55
CA THR A 164 2.86 -0.52 -6.33
C THR A 164 2.66 -0.97 -7.80
N LEU A 165 3.71 -1.54 -8.41
CA LEU A 165 3.66 -1.97 -9.82
C LEU A 165 2.66 -3.10 -10.06
N ILE A 166 2.63 -4.05 -9.13
CA ILE A 166 1.66 -5.14 -9.16
C ILE A 166 0.23 -4.59 -9.08
N ASN A 167 0.00 -3.64 -8.17
CA ASN A 167 -1.34 -3.04 -8.01
C ASN A 167 -1.74 -2.31 -9.28
N TYR A 168 -0.82 -1.50 -9.79
CA TYR A 168 -1.04 -0.77 -11.02
C TYR A 168 -1.26 -1.70 -12.21
N ALA A 169 -0.49 -2.77 -12.30
CA ALA A 169 -0.63 -3.73 -13.38
C ALA A 169 -1.99 -4.41 -13.35
N ILE A 170 -2.38 -4.92 -12.18
CA ILE A 170 -3.68 -5.59 -11.98
C ILE A 170 -4.87 -4.72 -12.38
N MET A 171 -4.83 -3.46 -11.99
CA MET A 171 -5.97 -2.57 -12.23
C MET A 171 -6.09 -2.08 -13.68
N LYS A 172 -5.09 -2.28 -14.52
CA LYS A 172 -5.22 -2.04 -15.96
C LYS A 172 -6.07 -3.12 -16.60
N ARG B 39 -14.34 -2.25 6.34
CA ARG B 39 -12.87 -2.30 6.67
C ARG B 39 -12.12 -1.00 6.29
N SER B 40 -12.04 -0.72 4.99
CA SER B 40 -11.33 0.47 4.47
C SER B 40 -12.30 1.38 3.72
N ARG B 41 -12.40 2.63 4.18
CA ARG B 41 -13.34 3.60 3.61
C ARG B 41 -12.64 4.93 3.29
N TYR B 42 -13.07 5.57 2.20
CA TYR B 42 -12.33 6.67 1.59
C TYR B 42 -13.19 7.89 1.31
N PHE B 43 -12.68 9.08 1.67
CA PHE B 43 -13.35 10.35 1.39
C PHE B 43 -12.39 11.28 0.63
N ILE B 44 -12.96 12.12 -0.24
CA ILE B 44 -12.16 13.03 -1.07
C ILE B 44 -12.12 14.40 -0.40
N MET B 45 -10.93 15.00 -0.33
CA MET B 45 -10.78 16.38 0.15
C MET B 45 -10.31 17.29 -1.00
N LEU B 46 -11.17 18.24 -1.37
CA LEU B 46 -10.87 19.25 -2.35
C LEU B 46 -10.32 20.46 -1.63
N CYS B 47 -9.08 20.83 -1.98
CA CYS B 47 -8.38 21.92 -1.33
C CYS B 47 -8.16 23.06 -2.32
N ASP B 48 -8.54 24.27 -1.91
CA ASP B 48 -8.30 25.49 -2.69
C ASP B 48 -7.40 26.52 -1.98
N ASN B 49 -7.00 26.21 -0.76
CA ASN B 49 -6.19 27.08 0.06
C ASN B 49 -4.81 26.57 0.36
N GLU B 50 -3.82 27.04 -0.36
CA GLU B 50 -2.43 26.65 -0.19
C GLU B 50 -1.97 26.69 1.25
N THR B 51 -2.39 27.69 1.99
CA THR B 51 -1.99 27.83 3.34
C THR B 51 -2.49 26.69 4.22
N ALA B 52 -3.68 26.22 3.91
CA ALA B 52 -4.31 25.17 4.70
C ALA B 52 -3.60 23.82 4.51
N ILE B 53 -3.34 23.43 3.26
CA ILE B 53 -2.72 22.13 2.97
C ILE B 53 -1.24 22.07 3.37
N ALA B 54 -0.53 23.19 3.24
CA ALA B 54 0.84 23.27 3.76
C ALA B 54 0.85 23.03 5.26
N HIS B 55 -0.08 23.66 5.96
CA HIS B 55 -0.24 23.53 7.41
C HIS B 55 -0.62 22.10 7.81
N ALA B 56 -1.56 21.50 7.07
CA ALA B 56 -1.98 20.12 7.28
C ALA B 56 -0.83 19.13 7.07
N LYS B 57 -0.03 19.36 6.02
CA LYS B 57 1.15 18.55 5.74
C LYS B 57 2.24 18.68 6.79
N LYS B 58 2.32 19.85 7.43
CA LYS B 58 3.27 20.07 8.51
C LYS B 58 2.75 19.61 9.89
N THR B 59 1.46 19.84 10.17
CA THR B 59 0.91 19.53 11.51
C THR B 59 0.02 18.30 11.60
N SER B 60 -0.29 17.66 10.47
CA SER B 60 -1.12 16.44 10.45
C SER B 60 -2.48 16.64 11.14
N ILE B 61 -3.17 17.72 10.76
CA ILE B 61 -4.55 17.99 11.16
C ILE B 61 -5.36 18.36 9.91
N TRP B 62 -6.66 18.04 9.95
CA TRP B 62 -7.62 18.52 8.95
C TRP B 62 -8.95 18.87 9.61
N ALA B 63 -9.73 19.74 8.95
CA ALA B 63 -11.07 20.09 9.41
C ALA B 63 -12.11 19.46 8.49
N VAL B 64 -13.21 19.01 9.08
CA VAL B 64 -14.26 18.29 8.36
C VAL B 64 -15.51 19.17 8.34
N LYS B 65 -16.11 19.32 7.15
CA LYS B 65 -17.34 20.11 7.00
C LYS B 65 -18.51 19.48 7.77
N LYS B 66 -19.45 20.33 8.18
CA LYS B 66 -20.67 19.88 8.86
C LYS B 66 -21.54 19.04 7.92
N ASP B 67 -21.51 19.41 6.64
CA ASP B 67 -22.12 18.67 5.53
C ASP B 67 -21.78 17.18 5.50
N SER B 68 -20.54 16.84 5.85
CA SER B 68 -20.03 15.47 5.75
C SER B 68 -19.55 14.85 7.09
N SER B 69 -19.78 15.56 8.20
CA SER B 69 -19.21 15.17 9.50
C SER B 69 -19.81 13.90 10.11
N LYS B 70 -21.12 13.75 10.00
CA LYS B 70 -21.79 12.59 10.62
C LYS B 70 -21.36 11.28 9.95
N ARG B 71 -21.30 11.29 8.62
CA ARG B 71 -20.86 10.13 7.85
C ARG B 71 -19.39 9.75 8.10
N ILE B 72 -18.52 10.74 8.29
CA ILE B 72 -17.10 10.47 8.50
C ILE B 72 -16.82 9.97 9.93
N SER B 73 -17.52 10.51 10.91
CA SER B 73 -17.39 10.03 12.30
C SER B 73 -17.87 8.59 12.44
N ASP B 74 -19.07 8.35 11.90
CA ASP B 74 -19.65 7.01 11.73
C ASP B 74 -18.62 6.03 11.17
N ALA B 75 -17.96 6.40 10.07
CA ALA B 75 -16.94 5.54 9.43
C ALA B 75 -15.70 5.31 10.29
N TYR B 76 -15.28 6.33 11.03
CA TYR B 76 -14.10 6.22 11.89
C TYR B 76 -14.27 5.14 12.97
N LYS B 77 -15.47 5.06 13.56
CA LYS B 77 -15.78 4.09 14.62
C LYS B 77 -15.88 2.63 14.15
N LYS B 78 -16.15 2.44 12.85
CA LYS B 78 -16.36 1.12 12.28
C LYS B 78 -15.29 0.65 11.29
N ALA B 79 -14.38 1.54 10.86
CA ALA B 79 -13.43 1.20 9.79
C ALA B 79 -12.14 2.02 9.86
N SER B 80 -11.14 1.59 9.09
CA SER B 80 -9.99 2.43 8.78
C SER B 80 -10.44 3.48 7.78
N VAL B 81 -10.26 4.75 8.13
CA VAL B 81 -10.73 5.86 7.29
C VAL B 81 -9.53 6.61 6.69
N TYR B 82 -9.60 6.83 5.37
CA TYR B 82 -8.55 7.52 4.64
C TYR B 82 -9.13 8.75 3.93
N PHE B 83 -8.31 9.79 3.84
CA PHE B 83 -8.62 11.05 3.15
C PHE B 83 -7.68 11.18 1.97
N ILE B 84 -8.24 11.39 0.79
CA ILE B 84 -7.46 11.61 -0.42
C ILE B 84 -7.54 13.11 -0.72
N PHE B 85 -6.38 13.75 -0.82
CA PHE B 85 -6.29 15.21 -0.95
C PHE B 85 -5.95 15.56 -2.36
N VAL B 86 -6.79 16.42 -2.95
CA VAL B 86 -6.70 16.77 -4.35
C VAL B 86 -7.01 18.26 -4.49
N ALA B 87 -6.27 18.94 -5.37
CA ALA B 87 -6.45 20.39 -5.57
C ALA B 87 -7.81 20.66 -6.21
N GLN B 88 -8.50 21.66 -5.69
CA GLN B 88 -9.87 22.00 -6.13
C GLN B 88 -9.92 22.39 -7.60
N GLN B 89 -9.13 23.39 -7.97
CA GLN B 89 -9.21 24.01 -9.31
C GLN B 89 -8.45 23.26 -10.40
N THR B 90 -7.56 22.34 -10.03
CA THR B 90 -6.77 21.56 -11.01
C THR B 90 -6.92 20.03 -10.94
N TYR B 91 -7.43 19.50 -9.84
CA TYR B 91 -7.37 18.05 -9.53
C TYR B 91 -5.95 17.43 -9.46
N ASN B 92 -4.94 18.25 -9.17
CA ASN B 92 -3.61 17.75 -8.80
C ASN B 92 -3.67 16.88 -7.55
N ALA B 93 -3.03 15.72 -7.58
CA ALA B 93 -2.89 14.89 -6.39
C ALA B 93 -1.99 15.61 -5.40
N LEU B 94 -2.52 15.80 -4.18
CA LEU B 94 -1.77 16.36 -3.08
C LEU B 94 -1.32 15.34 -2.03
N GLY B 95 -1.96 14.16 -1.99
CA GLY B 95 -1.55 13.07 -1.11
C GLY B 95 -2.71 12.28 -0.54
N TYR B 96 -2.40 11.45 0.46
CA TYR B 96 -3.42 10.76 1.23
C TYR B 96 -2.90 10.39 2.60
N ALA B 97 -3.83 10.37 3.55
CA ALA B 97 -3.54 10.16 4.94
C ALA B 97 -4.65 9.31 5.56
N GLN B 98 -4.30 8.55 6.61
CA GLN B 98 -5.30 7.86 7.44
C GLN B 98 -5.81 8.81 8.53
N VAL B 99 -7.12 8.79 8.78
CA VAL B 99 -7.68 9.51 9.92
C VAL B 99 -7.39 8.70 11.20
N VAL B 100 -6.71 9.32 12.15
CA VAL B 100 -6.26 8.65 13.38
C VAL B 100 -6.86 9.27 14.66
N SER B 101 -7.92 10.06 14.54
CA SER B 101 -8.72 10.50 15.68
C SER B 101 -10.11 10.92 15.21
N ASP B 102 -11.08 10.93 16.12
CA ASP B 102 -12.47 11.30 15.79
C ASP B 102 -12.63 12.82 15.85
N LEU B 103 -13.78 13.31 15.40
CA LEU B 103 -14.11 14.75 15.45
C LEU B 103 -13.85 15.38 16.81
N ASN B 104 -13.39 16.62 16.77
CA ASN B 104 -13.11 17.38 17.98
C ASN B 104 -13.41 18.87 17.73
N SER B 105 -14.56 19.32 18.24
CA SER B 105 -15.05 20.68 18.05
C SER B 105 -14.11 21.77 18.56
N THR B 106 -13.29 21.47 19.56
CA THR B 106 -12.31 22.42 20.09
C THR B 106 -11.01 22.46 19.30
N GLU B 107 -10.55 21.31 18.80
CA GLU B 107 -9.27 21.19 18.12
C GLU B 107 -9.41 21.33 16.59
N LEU B 108 -9.84 22.52 16.15
CA LEU B 108 -9.81 22.88 14.72
C LEU B 108 -8.43 23.42 14.32
N PRO B 109 -8.15 23.49 13.00
CA PRO B 109 -7.04 24.31 12.51
C PRO B 109 -7.47 25.76 12.26
N PHE B 110 -6.50 26.63 12.06
CA PHE B 110 -6.72 28.09 11.97
C PHE B 110 -7.59 28.56 10.79
N TRP B 111 -7.43 27.90 9.65
CA TRP B 111 -8.15 28.22 8.41
C TRP B 111 -9.65 27.89 8.41
N SER B 112 -10.13 27.11 9.37
CA SER B 112 -11.50 26.60 9.35
C SER B 112 -12.58 27.68 9.58
N ASP B 113 -13.51 27.78 8.63
CA ASP B 113 -14.76 28.53 8.81
C ASP B 113 -15.69 27.81 9.79
N SER B 114 -16.84 28.41 10.05
CA SER B 114 -17.91 27.77 10.83
C SER B 114 -18.82 26.89 9.95
N SER B 115 -18.41 26.65 8.70
CA SER B 115 -18.93 25.51 7.92
C SER B 115 -18.40 24.16 8.42
N HIS B 116 -17.36 24.17 9.29
CA HIS B 116 -16.74 22.95 9.83
C HIS B 116 -17.27 22.56 11.21
N ALA B 117 -17.54 21.28 11.38
CA ALA B 117 -17.99 20.73 12.66
C ALA B 117 -16.82 20.59 13.64
N GLY B 118 -15.74 19.97 13.18
CA GLY B 118 -14.54 19.81 14.00
C GLY B 118 -13.30 19.37 13.25
N GLY B 119 -12.21 19.20 13.98
CA GLY B 119 -10.95 18.71 13.42
C GLY B 119 -10.71 17.24 13.70
N VAL B 120 -9.79 16.66 12.94
CA VAL B 120 -9.31 15.30 13.15
C VAL B 120 -7.81 15.27 12.94
N ARG B 121 -7.12 14.40 13.67
CA ARG B 121 -5.71 14.16 13.41
C ARG B 121 -5.59 13.14 12.31
N ILE B 122 -4.47 13.20 11.60
CA ILE B 122 -4.22 12.33 10.46
C ILE B 122 -2.78 11.87 10.46
N LYS B 123 -2.52 10.80 9.73
CA LYS B 123 -1.17 10.30 9.56
C LYS B 123 -0.95 10.20 8.07
N TRP B 124 -0.05 11.05 7.56
CA TRP B 124 0.25 11.10 6.14
C TRP B 124 0.91 9.81 5.66
N ILE B 125 0.37 9.23 4.60
CA ILE B 125 0.96 8.05 3.96
C ILE B 125 1.82 8.53 2.79
N LYS B 126 1.24 9.36 1.92
CA LYS B 126 1.96 10.00 0.82
C LYS B 126 1.60 11.47 0.74
N THR B 127 2.60 12.29 0.40
CA THR B 127 2.39 13.72 0.12
C THR B 127 3.09 14.05 -1.18
N CYS B 128 2.50 14.95 -1.94
CA CYS B 128 3.05 15.38 -3.22
C CYS B 128 2.34 16.64 -3.70
N ASN B 129 2.73 17.08 -4.90
CA ASN B 129 1.97 18.07 -5.63
C ASN B 129 2.26 17.83 -7.09
N LEU B 130 1.41 17.05 -7.73
CA LEU B 130 1.60 16.66 -9.12
C LEU B 130 0.28 16.39 -9.83
N PHE B 131 0.34 16.27 -11.16
CA PHE B 131 -0.85 16.06 -11.98
C PHE B 131 -0.79 14.69 -12.63
N SER B 132 -1.89 13.97 -12.53
CA SER B 132 -2.07 12.68 -13.17
C SER B 132 -3.37 12.80 -13.94
N ALA B 133 -3.31 12.65 -15.26
CA ALA B 133 -4.52 12.68 -16.06
C ALA B 133 -5.55 11.64 -15.57
N GLU B 134 -5.09 10.40 -15.32
CA GLU B 134 -5.94 9.32 -14.78
C GLU B 134 -6.69 9.76 -13.53
N ILE B 135 -5.95 10.30 -12.57
CA ILE B 135 -6.54 10.79 -11.32
C ILE B 135 -7.53 11.91 -11.59
N SER B 136 -7.17 12.81 -12.51
CA SER B 136 -8.08 13.89 -12.92
C SER B 136 -9.43 13.36 -13.41
N GLU B 137 -9.38 12.31 -14.23
CA GLU B 137 -10.59 11.69 -14.78
C GLU B 137 -11.49 11.09 -13.70
N ILE B 138 -10.88 10.39 -12.75
CA ILE B 138 -11.62 9.76 -11.65
C ILE B 138 -12.35 10.78 -10.77
N VAL B 139 -11.67 11.86 -10.43
CA VAL B 139 -12.24 12.93 -9.58
C VAL B 139 -13.33 13.72 -10.31
N SER B 140 -13.13 13.96 -11.61
CA SER B 140 -14.14 14.65 -12.42
C SER B 140 -15.45 13.86 -12.56
N HIS B 141 -15.40 12.52 -12.42
CA HIS B 141 -16.57 11.66 -12.54
C HIS B 141 -17.00 10.96 -11.23
N MET B 142 -16.51 11.44 -10.08
CA MET B 142 -16.69 10.73 -8.80
C MET B 142 -18.13 10.67 -8.29
N ASP B 143 -18.87 11.76 -8.46
CA ASP B 143 -20.24 11.87 -7.96
C ASP B 143 -21.27 11.44 -9.02
N HIS B 144 -21.42 10.13 -9.22
CA HIS B 144 -22.33 9.56 -10.23
C HIS B 144 -22.02 10.13 -11.63
N GLY B 145 -20.78 9.95 -12.08
CA GLY B 145 -20.32 10.49 -13.37
C GLY B 145 -20.11 11.99 -13.43
N SER B 146 -20.14 12.66 -12.27
CA SER B 146 -20.11 14.10 -12.14
C SER B 146 -18.98 14.49 -11.19
N GLU B 147 -18.61 15.77 -11.17
CA GLU B 147 -17.47 16.25 -10.38
C GLU B 147 -17.61 15.87 -8.89
N ALA B 148 -16.49 15.45 -8.30
CA ALA B 148 -16.43 15.16 -6.87
C ALA B 148 -16.89 16.38 -6.06
N ARG B 149 -17.58 16.12 -4.98
CA ARG B 149 -18.02 17.15 -4.06
C ARG B 149 -17.09 17.03 -2.87
N ASP B 150 -16.69 18.16 -2.30
CA ASP B 150 -15.76 18.14 -1.18
C ASP B 150 -16.32 17.32 -0.01
N GLY B 151 -15.49 16.45 0.55
CA GLY B 151 -15.87 15.60 1.68
C GLY B 151 -16.69 14.36 1.39
N MET B 152 -17.04 14.09 0.12
CA MET B 152 -17.92 12.96 -0.19
C MET B 152 -17.18 11.64 -0.04
N GLU B 153 -17.92 10.57 0.25
CA GLU B 153 -17.36 9.23 0.29
C GLU B 153 -17.35 8.67 -1.11
N MET B 154 -16.25 7.99 -1.45
CA MET B 154 -16.11 7.29 -2.70
C MET B 154 -16.19 5.78 -2.43
N MET B 155 -16.44 5.01 -3.48
CA MET B 155 -16.45 3.54 -3.39
C MET B 155 -15.06 3.00 -3.15
N TYR B 156 -14.99 1.78 -2.65
CA TYR B 156 -13.70 1.14 -2.35
C TYR B 156 -12.76 1.10 -3.57
N ASP B 157 -13.32 0.74 -4.74
CA ASP B 157 -12.51 0.64 -5.96
C ASP B 157 -11.84 1.97 -6.37
N GLU B 158 -12.57 3.07 -6.25
CA GLU B 158 -12.03 4.39 -6.60
C GLU B 158 -11.02 4.91 -5.54
N GLY B 159 -11.28 4.64 -4.26
CA GLY B 159 -10.30 4.89 -3.20
C GLY B 159 -9.00 4.14 -3.41
N SER B 160 -9.11 2.85 -3.67
CA SER B 160 -7.95 1.98 -3.87
C SER B 160 -7.17 2.32 -5.14
N ARG B 161 -7.88 2.64 -6.22
CA ARG B 161 -7.26 3.07 -7.47
C ARG B 161 -6.44 4.35 -7.27
N LEU B 162 -7.08 5.35 -6.68
CA LEU B 162 -6.43 6.66 -6.43
C LEU B 162 -5.14 6.56 -5.63
N CYS B 163 -5.13 5.75 -4.57
CA CYS B 163 -3.93 5.57 -3.75
C CYS B 163 -2.81 4.90 -4.55
N THR B 164 -3.15 3.89 -5.35
CA THR B 164 -2.17 3.23 -6.22
C THR B 164 -1.60 4.21 -7.25
N LEU B 165 -2.47 5.02 -7.85
CA LEU B 165 -2.06 6.05 -8.82
C LEU B 165 -1.18 7.12 -8.20
N ILE B 166 -1.57 7.59 -7.03
CA ILE B 166 -0.72 8.48 -6.24
C ILE B 166 0.68 7.85 -6.00
N ASN B 167 0.72 6.59 -5.56
CA ASN B 167 2.01 5.91 -5.35
C ASN B 167 2.78 5.82 -6.65
N TYR B 168 2.08 5.43 -7.71
CA TYR B 168 2.68 5.29 -9.05
C TYR B 168 3.22 6.60 -9.61
N ALA B 169 2.48 7.70 -9.39
CA ALA B 169 2.92 9.03 -9.84
C ALA B 169 4.22 9.46 -9.16
N ILE B 170 4.26 9.28 -7.84
CA ILE B 170 5.45 9.62 -7.02
C ILE B 170 6.67 8.83 -7.46
N MET B 171 6.48 7.53 -7.67
CA MET B 171 7.50 6.65 -8.26
C MET B 171 8.16 7.18 -9.54
N LYS B 172 7.37 7.80 -10.41
CA LYS B 172 7.86 8.33 -11.69
C LYS B 172 8.72 9.60 -11.51
P PO4 C . 2.24 -3.27 1.85
O1 PO4 C . 3.25 -3.44 0.74
O2 PO4 C . 0.99 -4.06 1.55
O3 PO4 C . 2.84 -3.77 3.14
O4 PO4 C . 1.90 -1.81 2.01
#